data_5CXZ
#
_entry.id   5CXZ
#
_cell.length_a   40.080
_cell.length_b   87.980
_cell.length_c   88.500
_cell.angle_alpha   90.000
_cell.angle_beta   90.000
_cell.angle_gamma   90.000
#
_symmetry.space_group_name_H-M   'P 21 21 21'
#
loop_
_entity.id
_entity.type
_entity.pdbx_description
1 polymer 'Tyrosine-protein kinase SYK'
2 non-polymer GLYCEROL
3 non-polymer 'CHLORIDE ION'
4 non-polymer N-{7-[4-(dimethylamino)phenyl]-1,6-naphthyridin-5-yl}propane-1,3-diamine
5 water water
#
_entity_poly.entity_id   1
_entity_poly.type   'polypeptide(L)'
_entity_poly.pdbx_seq_one_letter_code
;MALEEIRPKEVYLDRKLLTLEDKELGSGNFGTVKKGYYQMKKVVKTVAVKILKNEANDPALKDELLAEANVMQQLDNPYI
VRMIGICEAESWMLVMEMAELGPLNKYLQQNRHVTDKNIIELVHQVSMGMKYLEESNFVHRDLAARNVLLVTQHYAKISD
FGLSKALRADENYYKAQTHGKWPVKWYAPECINYYKFSSKSDVWSFGVLMWEAFSYGQKPYRGMKGSEVTAMLEKGERMG
CPAGCPREMYDLMNLCWTYDVENRPGFAAVELRLRNYYYDVVNHHHHHH
;
_entity_poly.pdbx_strand_id   A
#
loop_
_chem_comp.id
_chem_comp.type
_chem_comp.name
_chem_comp.formula
55U non-polymer N-{7-[4-(dimethylamino)phenyl]-1,6-naphthyridin-5-yl}propane-1,3-diamine 'C19 H23 N5'
CL non-polymer 'CHLORIDE ION' 'Cl -1'
GOL non-polymer GLYCEROL 'C3 H8 O3'
#
# COMPACT_ATOMS: atom_id res chain seq x y z
N VAL A 11 -10.15 6.22 18.44
CA VAL A 11 -10.07 6.49 19.88
C VAL A 11 -9.34 7.81 20.16
N TYR A 12 -9.79 8.57 21.18
CA TYR A 12 -9.17 9.85 21.55
C TYR A 12 -8.06 9.68 22.59
N LEU A 13 -6.83 9.92 22.14
CA LEU A 13 -5.63 9.79 22.96
C LEU A 13 -5.25 11.07 23.74
N ASP A 14 -4.58 10.90 24.89
CA ASP A 14 -4.13 11.98 25.77
C ASP A 14 -2.73 12.45 25.32
N ARG A 15 -2.62 13.75 24.95
CA ARG A 15 -1.37 14.39 24.49
C ARG A 15 -0.18 14.29 25.46
N LYS A 16 -0.45 14.34 26.77
CA LYS A 16 0.61 14.26 27.79
C LYS A 16 1.33 12.90 27.73
N LEU A 17 0.62 11.83 27.31
CA LEU A 17 1.10 10.46 27.17
C LEU A 17 1.88 10.17 25.87
N LEU A 18 2.03 11.19 25.01
CA LEU A 18 2.73 11.08 23.75
C LEU A 18 3.96 11.98 23.74
N THR A 19 5.08 11.43 23.26
CA THR A 19 6.35 12.13 23.12
C THR A 19 6.79 12.06 21.67
N LEU A 20 6.99 13.22 21.04
CA LEU A 20 7.45 13.26 19.65
C LEU A 20 8.97 13.38 19.59
N GLU A 21 9.59 12.68 18.65
CA GLU A 21 11.03 12.76 18.41
C GLU A 21 11.25 13.70 17.22
N ASP A 22 12.49 14.16 17.02
CA ASP A 22 12.87 15.04 15.91
C ASP A 22 12.80 14.30 14.56
N LYS A 23 13.01 12.96 14.61
CA LYS A 23 13.05 12.04 13.48
C LYS A 23 11.82 12.11 12.59
N GLU A 24 12.00 12.58 11.36
CA GLU A 24 10.94 12.69 10.37
C GLU A 24 10.98 11.41 9.53
N LEU A 25 9.83 10.75 9.40
CA LEU A 25 9.67 9.49 8.67
C LEU A 25 9.05 9.71 7.30
N GLY A 26 8.27 10.77 7.19
CA GLY A 26 7.55 11.10 5.97
C GLY A 26 7.05 12.53 5.95
N SER A 27 6.68 12.99 4.75
CA SER A 27 6.23 14.37 4.51
C SER A 27 5.28 14.42 3.31
N GLY A 28 4.52 15.51 3.22
CA GLY A 28 3.55 15.78 2.16
C GLY A 28 2.83 17.10 2.40
N ASN A 29 1.78 17.38 1.59
CA ASN A 29 0.99 18.62 1.72
C ASN A 29 0.25 18.72 3.05
N PHE A 30 -0.19 17.56 3.60
CA PHE A 30 -0.90 17.42 4.88
C PHE A 30 -0.06 17.90 6.06
N GLY A 31 1.24 17.61 6.00
CA GLY A 31 2.22 17.88 7.04
C GLY A 31 3.30 16.83 7.02
N THR A 32 3.64 16.26 8.20
CA THR A 32 4.71 15.26 8.33
C THR A 32 4.29 14.01 9.12
N VAL A 33 5.17 13.00 9.13
CA VAL A 33 5.06 11.78 9.93
C VAL A 33 6.33 11.73 10.81
N LYS A 34 6.17 11.70 12.13
CA LYS A 34 7.32 11.65 13.05
C LYS A 34 7.26 10.42 13.93
N LYS A 35 8.43 9.94 14.36
CA LYS A 35 8.54 8.82 15.28
C LYS A 35 8.17 9.34 16.69
N GLY A 36 7.52 8.49 17.48
CA GLY A 36 7.15 8.84 18.85
C GLY A 36 7.02 7.63 19.75
N TYR A 37 6.56 7.87 20.99
CA TYR A 37 6.32 6.84 22.00
C TYR A 37 5.01 7.14 22.68
N TYR A 38 4.17 6.12 22.84
CA TYR A 38 2.88 6.28 23.51
C TYR A 38 2.74 5.34 24.70
N GLN A 39 2.24 5.78 25.88
CA GLN A 39 2.02 4.84 26.98
C GLN A 39 0.76 4.02 27.03
N MET A 40 0.95 2.75 27.00
CA MET A 40 -0.13 1.86 27.00
C MET A 40 -0.65 1.55 28.44
N LYS A 41 -1.40 0.48 28.64
CA LYS A 41 -1.92 0.25 29.99
C LYS A 41 -0.68 0.13 30.91
N LYS A 42 0.33 -0.65 30.50
CA LYS A 42 1.56 -0.85 31.30
C LYS A 42 2.87 -0.49 30.54
N VAL A 43 3.05 -1.09 29.36
CA VAL A 43 4.26 -0.87 28.56
C VAL A 43 4.15 0.45 27.77
N VAL A 44 5.24 0.83 27.09
CA VAL A 44 5.26 2.02 26.24
C VAL A 44 5.45 1.52 24.83
N LYS A 45 4.73 2.10 23.85
CA LYS A 45 4.75 1.64 22.48
C LYS A 45 5.42 2.62 21.52
N THR A 46 6.33 2.12 20.65
CA THR A 46 6.95 2.97 19.64
C THR A 46 5.91 3.22 18.53
N VAL A 47 5.71 4.48 18.17
CA VAL A 47 4.68 4.87 17.21
C VAL A 47 5.16 5.77 16.07
N ALA A 48 4.39 5.80 14.99
CA ALA A 48 4.56 6.68 13.85
C ALA A 48 3.36 7.60 13.93
N VAL A 49 3.60 8.90 13.94
CA VAL A 49 2.53 9.88 14.11
C VAL A 49 2.36 10.78 12.92
N LYS A 50 1.18 10.74 12.30
CA LYS A 50 0.85 11.60 11.17
C LYS A 50 0.32 12.92 11.75
N ILE A 51 1.12 14.00 11.60
CA ILE A 51 0.80 15.31 12.14
C ILE A 51 0.40 16.27 11.02
N LEU A 52 -0.76 16.92 11.18
CA LEU A 52 -1.31 17.88 10.23
C LEU A 52 -0.68 19.27 10.41
N LYS A 53 -0.42 19.98 9.31
CA LYS A 53 0.15 21.33 9.34
C LYS A 53 -0.85 22.35 9.88
N ASN A 54 -0.37 23.36 10.62
CA ASN A 54 -1.22 24.42 11.17
C ASN A 54 -0.84 25.80 10.65
N ALA A 60 -11.04 20.83 5.47
CA ALA A 60 -10.92 19.77 4.48
C ALA A 60 -9.78 18.81 4.85
N LEU A 61 -8.62 19.35 5.25
CA LEU A 61 -7.45 18.57 5.64
C LEU A 61 -7.71 17.83 6.98
N LYS A 62 -8.53 18.42 7.88
CA LYS A 62 -8.92 17.83 9.16
C LYS A 62 -9.90 16.67 8.95
N ASP A 63 -10.89 16.87 8.07
CA ASP A 63 -11.90 15.87 7.73
C ASP A 63 -11.30 14.62 7.09
N GLU A 64 -10.30 14.81 6.19
CA GLU A 64 -9.57 13.74 5.52
C GLU A 64 -8.83 12.88 6.58
N LEU A 65 -8.23 13.52 7.60
CA LEU A 65 -7.56 12.77 8.68
C LEU A 65 -8.55 11.95 9.49
N LEU A 66 -9.73 12.50 9.81
CA LEU A 66 -10.71 11.75 10.59
C LEU A 66 -11.30 10.58 9.80
N ALA A 67 -11.48 10.74 8.47
CA ALA A 67 -11.98 9.67 7.60
C ALA A 67 -10.91 8.56 7.48
N GLU A 68 -9.62 8.95 7.40
CA GLU A 68 -8.48 8.03 7.33
C GLU A 68 -8.44 7.20 8.63
N ALA A 69 -8.61 7.86 9.81
CA ALA A 69 -8.71 7.17 11.10
C ALA A 69 -9.91 6.20 11.12
N ASN A 70 -11.07 6.65 10.61
CA ASN A 70 -12.31 5.87 10.54
C ASN A 70 -12.13 4.55 9.77
N VAL A 71 -11.39 4.59 8.66
CA VAL A 71 -11.09 3.42 7.87
C VAL A 71 -10.17 2.47 8.66
N MET A 72 -9.07 3.00 9.21
CA MET A 72 -8.10 2.22 9.97
C MET A 72 -8.72 1.51 11.19
N GLN A 73 -9.67 2.18 11.89
CA GLN A 73 -10.44 1.68 13.05
C GLN A 73 -11.15 0.36 12.71
N GLN A 74 -11.65 0.25 11.45
CA GLN A 74 -12.43 -0.87 10.95
C GLN A 74 -11.62 -2.06 10.44
N LEU A 75 -10.30 -1.89 10.29
CA LEU A 75 -9.47 -2.96 9.76
C LEU A 75 -8.68 -3.65 10.86
N ASP A 76 -8.67 -4.99 10.83
CA ASP A 76 -7.98 -5.83 11.81
C ASP A 76 -7.39 -7.03 11.08
N ASN A 77 -6.11 -6.90 10.72
CA ASN A 77 -5.39 -7.92 9.95
C ASN A 77 -3.92 -7.79 10.22
N PRO A 78 -3.18 -8.92 10.31
CA PRO A 78 -1.73 -8.81 10.60
C PRO A 78 -0.94 -8.03 9.55
N TYR A 79 -1.44 -7.95 8.29
CA TYR A 79 -0.70 -7.31 7.21
C TYR A 79 -1.15 -5.86 6.90
N ILE A 80 -1.80 -5.23 7.89
CA ILE A 80 -2.27 -3.84 7.75
C ILE A 80 -1.81 -3.06 9.02
N VAL A 81 -1.25 -1.85 8.83
CA VAL A 81 -0.77 -1.01 9.95
C VAL A 81 -1.95 -0.76 10.93
N ARG A 82 -1.72 -1.03 12.21
CA ARG A 82 -2.71 -0.84 13.27
C ARG A 82 -2.67 0.59 13.74
N MET A 83 -3.85 1.20 13.85
CA MET A 83 -4.02 2.54 14.41
C MET A 83 -4.21 2.42 15.95
N ILE A 84 -3.56 3.31 16.73
CA ILE A 84 -3.67 3.36 18.19
C ILE A 84 -4.81 4.30 18.51
N GLY A 85 -4.82 5.44 17.84
CA GLY A 85 -5.89 6.43 17.94
C GLY A 85 -5.54 7.78 17.36
N ILE A 86 -6.42 8.74 17.60
CA ILE A 86 -6.32 10.13 17.18
C ILE A 86 -6.03 10.99 18.39
N CYS A 87 -5.23 12.03 18.18
CA CYS A 87 -4.91 12.97 19.26
C CYS A 87 -5.25 14.40 18.85
N GLU A 88 -6.17 15.01 19.59
CA GLU A 88 -6.62 16.38 19.38
C GLU A 88 -5.93 17.24 20.41
N ALA A 89 -4.87 17.97 19.98
CA ALA A 89 -4.04 18.83 20.83
C ALA A 89 -3.54 20.05 20.04
N GLU A 90 -2.20 20.32 20.01
CA GLU A 90 -1.62 21.45 19.26
C GLU A 90 -1.92 21.35 17.78
N SER A 91 -2.18 20.11 17.33
CA SER A 91 -2.59 19.76 15.98
C SER A 91 -3.31 18.43 16.04
N TRP A 92 -3.99 18.07 14.94
CA TRP A 92 -4.66 16.79 14.81
C TRP A 92 -3.58 15.77 14.45
N MET A 93 -3.57 14.67 15.19
CA MET A 93 -2.56 13.64 14.99
C MET A 93 -3.20 12.28 14.87
N LEU A 94 -2.65 11.45 14.01
CA LEU A 94 -3.09 10.07 13.83
C LEU A 94 -1.91 9.20 14.27
N VAL A 95 -2.06 8.51 15.43
CA VAL A 95 -1.02 7.68 16.06
C VAL A 95 -1.14 6.22 15.61
N MET A 96 -0.07 5.67 15.04
CA MET A 96 -0.07 4.29 14.52
C MET A 96 1.10 3.50 15.07
N GLU A 97 0.99 2.14 15.12
CA GLU A 97 2.12 1.31 15.56
C GLU A 97 3.23 1.49 14.52
N MET A 98 4.48 1.68 14.96
CA MET A 98 5.55 1.90 13.97
C MET A 98 6.09 0.61 13.34
N ALA A 99 6.21 0.62 12.00
CA ALA A 99 6.87 -0.44 11.21
C ALA A 99 8.28 0.15 10.98
N GLU A 100 9.18 -0.13 11.91
CA GLU A 100 10.49 0.51 12.04
C GLU A 100 11.48 0.37 10.86
N LEU A 101 11.32 -0.62 9.98
CA LEU A 101 12.23 -0.75 8.83
C LEU A 101 11.81 0.18 7.66
N GLY A 102 10.57 0.69 7.72
CA GLY A 102 10.08 1.67 6.77
C GLY A 102 9.70 1.16 5.38
N PRO A 103 9.52 2.11 4.43
CA PRO A 103 9.02 1.73 3.09
C PRO A 103 9.82 0.67 2.36
N LEU A 104 9.09 -0.27 1.72
CA LEU A 104 9.68 -1.39 0.97
C LEU A 104 10.60 -0.94 -0.17
N ASN A 105 10.19 0.11 -0.91
CA ASN A 105 11.01 0.57 -2.04
C ASN A 105 12.39 1.07 -1.57
N LYS A 106 12.41 1.93 -0.52
CA LYS A 106 13.67 2.47 0.02
C LYS A 106 14.51 1.35 0.62
N TYR A 107 13.83 0.37 1.30
CA TYR A 107 14.55 -0.77 1.90
C TYR A 107 15.28 -1.61 0.84
N LEU A 108 14.58 -1.94 -0.26
CA LEU A 108 15.19 -2.76 -1.30
C LEU A 108 16.28 -2.00 -2.09
N GLN A 109 16.15 -0.65 -2.20
CA GLN A 109 17.19 0.17 -2.87
C GLN A 109 18.52 0.12 -2.10
N GLN A 110 18.44 0.02 -0.75
CA GLN A 110 19.55 0.01 0.18
C GLN A 110 20.05 -1.41 0.54
N ASN A 111 19.26 -2.44 0.19
CA ASN A 111 19.59 -3.84 0.53
C ASN A 111 19.39 -4.73 -0.68
N ARG A 112 20.32 -4.63 -1.63
CA ARG A 112 20.31 -5.32 -2.92
C ARG A 112 20.48 -6.84 -2.88
N HIS A 113 20.87 -7.39 -1.72
CA HIS A 113 21.11 -8.82 -1.54
C HIS A 113 19.90 -9.60 -0.95
N VAL A 114 18.72 -8.94 -0.77
CA VAL A 114 17.49 -9.63 -0.31
C VAL A 114 17.18 -10.69 -1.40
N THR A 115 16.90 -11.96 -1.00
CA THR A 115 16.67 -13.02 -1.98
C THR A 115 15.30 -12.90 -2.66
N ASP A 116 15.11 -13.63 -3.77
CA ASP A 116 13.84 -13.71 -4.51
C ASP A 116 12.78 -14.35 -3.62
N LYS A 117 13.14 -15.42 -2.87
CA LYS A 117 12.27 -16.13 -1.92
C LYS A 117 11.74 -15.12 -0.88
N ASN A 118 12.62 -14.27 -0.35
CA ASN A 118 12.26 -13.23 0.63
C ASN A 118 11.31 -12.18 0.02
N ILE A 119 11.54 -11.81 -1.26
CA ILE A 119 10.64 -10.87 -1.93
C ILE A 119 9.26 -11.50 -2.13
N ILE A 120 9.23 -12.78 -2.58
CA ILE A 120 7.99 -13.54 -2.78
C ILE A 120 7.19 -13.57 -1.46
N GLU A 121 7.89 -13.88 -0.34
CA GLU A 121 7.27 -13.91 0.99
C GLU A 121 6.57 -12.59 1.33
N LEU A 122 7.24 -11.46 1.04
CA LEU A 122 6.74 -10.11 1.37
C LEU A 122 5.57 -9.71 0.51
N VAL A 123 5.70 -9.96 -0.79
CA VAL A 123 4.63 -9.66 -1.74
C VAL A 123 3.40 -10.57 -1.44
N HIS A 124 3.64 -11.82 -0.98
CA HIS A 124 2.52 -12.68 -0.61
C HIS A 124 1.78 -12.10 0.62
N GLN A 125 2.52 -11.56 1.60
CA GLN A 125 1.89 -10.93 2.76
C GLN A 125 1.04 -9.71 2.34
N VAL A 126 1.55 -8.91 1.40
CA VAL A 126 0.75 -7.78 0.89
C VAL A 126 -0.57 -8.28 0.28
N SER A 127 -0.51 -9.37 -0.49
CA SER A 127 -1.67 -9.98 -1.13
C SER A 127 -2.66 -10.53 -0.09
N MET A 128 -2.16 -10.98 1.08
CA MET A 128 -3.04 -11.46 2.15
C MET A 128 -3.80 -10.26 2.74
N GLY A 129 -3.07 -9.17 3.00
CA GLY A 129 -3.65 -7.92 3.49
C GLY A 129 -4.68 -7.36 2.52
N MET A 130 -4.37 -7.38 1.19
CA MET A 130 -5.32 -6.90 0.18
C MET A 130 -6.55 -7.81 -0.01
N LYS A 131 -6.37 -9.15 0.12
CA LYS A 131 -7.50 -10.10 0.08
C LYS A 131 -8.49 -9.74 1.20
N TYR A 132 -7.96 -9.38 2.40
CA TYR A 132 -8.79 -8.99 3.55
C TYR A 132 -9.50 -7.66 3.27
N LEU A 133 -8.78 -6.69 2.68
CA LEU A 133 -9.38 -5.39 2.32
C LEU A 133 -10.50 -5.58 1.27
N GLU A 134 -10.25 -6.44 0.29
CA GLU A 134 -11.23 -6.79 -0.75
C GLU A 134 -12.47 -7.45 -0.10
N GLU A 135 -12.23 -8.42 0.80
CA GLU A 135 -13.31 -9.12 1.53
C GLU A 135 -14.13 -8.11 2.34
N SER A 136 -13.46 -7.08 2.91
CA SER A 136 -14.05 -6.02 3.74
C SER A 136 -14.71 -4.93 2.90
N ASN A 137 -14.55 -5.01 1.57
CA ASN A 137 -15.12 -4.10 0.58
C ASN A 137 -14.65 -2.64 0.80
N PHE A 138 -13.32 -2.49 1.03
CA PHE A 138 -12.65 -1.21 1.05
C PHE A 138 -11.73 -1.23 -0.17
N VAL A 139 -11.54 -0.06 -0.79
CA VAL A 139 -10.58 0.13 -1.87
C VAL A 139 -9.48 1.00 -1.34
N HIS A 140 -8.21 0.59 -1.53
CA HIS A 140 -7.07 1.30 -0.99
C HIS A 140 -6.82 2.62 -1.77
N ARG A 141 -6.69 2.53 -3.12
CA ARG A 141 -6.48 3.66 -4.05
C ARG A 141 -5.08 4.32 -3.98
N ASP A 142 -4.12 3.71 -3.29
CA ASP A 142 -2.75 4.24 -3.27
C ASP A 142 -1.75 3.10 -3.00
N LEU A 143 -2.02 1.94 -3.57
CA LEU A 143 -1.19 0.78 -3.34
C LEU A 143 0.09 0.95 -4.20
N ALA A 144 1.23 1.00 -3.53
CA ALA A 144 2.57 1.20 -4.17
C ALA A 144 3.60 0.70 -3.17
N ALA A 145 4.82 0.39 -3.64
CA ALA A 145 5.86 -0.12 -2.74
C ALA A 145 6.23 0.87 -1.59
N ARG A 146 6.08 2.18 -1.84
CA ARG A 146 6.31 3.25 -0.85
C ARG A 146 5.29 3.20 0.30
N ASN A 147 4.15 2.49 0.09
CA ASN A 147 3.08 2.34 1.07
C ASN A 147 3.02 0.94 1.62
N VAL A 148 4.07 0.16 1.39
CA VAL A 148 4.25 -1.15 2.03
C VAL A 148 5.37 -0.90 3.03
N LEU A 149 5.11 -1.13 4.33
CA LEU A 149 6.13 -0.86 5.38
C LEU A 149 6.62 -2.13 6.00
N LEU A 150 7.95 -2.22 6.29
CA LEU A 150 8.50 -3.44 6.89
C LEU A 150 8.63 -3.35 8.40
N VAL A 151 7.99 -4.31 9.09
CA VAL A 151 8.07 -4.46 10.56
C VAL A 151 9.44 -5.15 10.80
N THR A 152 9.73 -6.20 10.00
CA THR A 152 11.02 -6.94 9.95
C THR A 152 11.31 -7.17 8.48
N GLN A 153 12.51 -7.72 8.15
CA GLN A 153 12.84 -8.05 6.76
C GLN A 153 11.88 -9.16 6.25
N HIS A 154 11.15 -9.85 7.16
CA HIS A 154 10.21 -10.94 6.82
C HIS A 154 8.76 -10.65 7.17
N TYR A 155 8.40 -9.37 7.36
CA TYR A 155 7.04 -9.01 7.79
C TYR A 155 6.67 -7.65 7.26
N ALA A 156 5.78 -7.61 6.24
CA ALA A 156 5.31 -6.38 5.61
C ALA A 156 3.90 -6.04 6.02
N LYS A 157 3.60 -4.73 6.09
CA LYS A 157 2.24 -4.25 6.37
C LYS A 157 1.86 -3.17 5.39
N ILE A 158 0.59 -3.10 5.02
CA ILE A 158 0.09 -2.06 4.12
C ILE A 158 -0.24 -0.82 4.94
N SER A 159 0.20 0.38 4.48
CA SER A 159 -0.06 1.64 5.19
C SER A 159 -0.79 2.60 4.26
N ASP A 160 -0.95 3.87 4.74
CA ASP A 160 -1.40 4.99 3.94
C ASP A 160 -2.80 4.82 3.36
N PHE A 161 -3.78 4.95 4.26
CA PHE A 161 -5.20 4.84 3.95
C PHE A 161 -5.87 6.21 3.66
N GLY A 162 -5.04 7.23 3.38
CA GLY A 162 -5.54 8.60 3.11
C GLY A 162 -6.51 8.74 1.94
N LEU A 163 -6.39 7.89 0.92
CA LEU A 163 -7.29 7.91 -0.26
C LEU A 163 -8.33 6.76 -0.25
N SER A 164 -8.29 5.88 0.78
CA SER A 164 -9.18 4.71 0.85
C SER A 164 -10.64 5.04 1.00
N LYS A 165 -11.51 4.19 0.48
CA LYS A 165 -12.97 4.39 0.55
C LYS A 165 -13.69 3.11 0.88
N ALA A 166 -14.75 3.22 1.66
CA ALA A 166 -15.64 2.11 1.98
C ALA A 166 -16.64 2.08 0.82
N LEU A 167 -16.70 0.96 0.12
CA LEU A 167 -17.63 0.81 -1.01
C LEU A 167 -19.09 0.81 -0.55
N ARG A 168 -19.98 1.40 -1.39
CA ARG A 168 -21.42 1.40 -1.12
C ARG A 168 -21.90 -0.05 -1.15
N ALA A 169 -22.99 -0.35 -0.42
CA ALA A 169 -23.59 -1.69 -0.38
C ALA A 169 -24.06 -2.15 -1.76
N ASP A 170 -24.36 -1.22 -2.68
CA ASP A 170 -24.94 -1.55 -3.99
C ASP A 170 -23.95 -1.47 -5.17
N GLU A 171 -22.68 -1.08 -4.91
CA GLU A 171 -21.68 -0.95 -5.97
C GLU A 171 -20.37 -1.62 -5.61
N ASN A 172 -19.65 -2.15 -6.62
CA ASN A 172 -18.32 -2.74 -6.37
C ASN A 172 -17.20 -1.74 -6.71
N TYR A 173 -17.59 -0.47 -6.94
CA TYR A 173 -16.62 0.58 -7.25
C TYR A 173 -16.96 1.91 -6.58
N TYR A 174 -15.94 2.75 -6.41
CA TYR A 174 -16.03 4.11 -5.92
C TYR A 174 -15.79 5.01 -7.13
N LYS A 175 -16.66 6.00 -7.33
CA LYS A 175 -16.53 6.95 -8.44
C LYS A 175 -16.02 8.28 -7.92
N ALA A 176 -14.79 8.68 -8.34
CA ALA A 176 -14.18 9.94 -7.91
C ALA A 176 -14.84 11.15 -8.59
N GLN A 177 -14.95 12.28 -7.86
CA GLN A 177 -15.55 13.51 -8.39
C GLN A 177 -14.47 14.39 -9.02
N THR A 178 -13.35 14.58 -8.30
CA THR A 178 -12.19 15.34 -8.73
C THR A 178 -11.11 14.39 -9.31
N HIS A 179 -10.03 14.94 -9.91
CA HIS A 179 -8.94 14.15 -10.48
C HIS A 179 -7.63 14.39 -9.74
N LYS A 181 -4.15 15.47 -7.39
CA LYS A 181 -2.85 14.83 -7.59
C LYS A 181 -2.96 13.32 -7.36
N TRP A 182 -2.97 12.56 -8.47
CA TRP A 182 -3.12 11.10 -8.46
C TRP A 182 -1.82 10.33 -8.78
N PRO A 183 -1.54 9.17 -8.12
CA PRO A 183 -0.33 8.38 -8.48
C PRO A 183 -0.64 7.55 -9.75
N VAL A 184 -0.73 8.25 -10.89
CA VAL A 184 -1.16 7.73 -12.20
C VAL A 184 -0.36 6.48 -12.68
N LYS A 185 0.94 6.40 -12.41
CA LYS A 185 1.77 5.25 -12.82
C LYS A 185 1.33 3.93 -12.11
N TRP A 186 0.55 4.06 -11.01
CA TRP A 186 0.06 2.89 -10.28
C TRP A 186 -1.42 2.63 -10.56
N TYR A 187 -2.07 3.51 -11.33
CA TYR A 187 -3.53 3.41 -11.56
C TYR A 187 -3.95 2.63 -12.80
N ALA A 188 -5.03 1.81 -12.65
CA ALA A 188 -5.59 1.05 -13.75
C ALA A 188 -6.22 1.96 -14.84
N PRO A 189 -6.34 1.48 -16.09
CA PRO A 189 -6.98 2.29 -17.15
C PRO A 189 -8.37 2.84 -16.77
N GLU A 190 -9.27 2.01 -16.15
CA GLU A 190 -10.63 2.45 -15.77
C GLU A 190 -10.62 3.63 -14.77
N CYS A 191 -9.56 3.72 -13.93
CA CYS A 191 -9.37 4.80 -12.95
C CYS A 191 -9.10 6.11 -13.70
N ILE A 192 -8.13 6.06 -14.62
CA ILE A 192 -7.71 7.20 -15.42
C ILE A 192 -8.83 7.65 -16.37
N ASN A 193 -9.48 6.70 -17.05
CA ASN A 193 -10.49 6.99 -18.06
C ASN A 193 -11.89 7.24 -17.53
N TYR A 194 -12.31 6.51 -16.47
CA TYR A 194 -13.69 6.66 -15.99
C TYR A 194 -13.80 7.05 -14.53
N TYR A 195 -12.65 7.25 -13.85
CA TYR A 195 -12.58 7.61 -12.42
C TYR A 195 -13.28 6.53 -11.54
N LYS A 196 -13.25 5.26 -11.97
CA LYS A 196 -13.88 4.18 -11.21
C LYS A 196 -12.83 3.35 -10.51
N PHE A 197 -12.92 3.28 -9.19
CA PHE A 197 -11.95 2.57 -8.34
C PHE A 197 -12.59 1.36 -7.68
N SER A 198 -12.09 0.15 -7.99
CA SER A 198 -12.64 -1.10 -7.44
C SER A 198 -11.49 -1.91 -6.86
N SER A 199 -11.78 -3.09 -6.27
N SER A 199 -11.77 -3.06 -6.20
CA SER A 199 -10.72 -3.96 -5.76
CA SER A 199 -10.68 -3.92 -5.73
C SER A 199 -9.85 -4.47 -6.92
C SER A 199 -9.83 -4.42 -6.93
N LYS A 200 -10.45 -4.59 -8.13
CA LYS A 200 -9.68 -4.98 -9.33
C LYS A 200 -8.68 -3.87 -9.73
N SER A 201 -9.07 -2.58 -9.55
CA SER A 201 -8.13 -1.46 -9.80
C SER A 201 -6.93 -1.60 -8.81
N ASP A 202 -7.20 -2.00 -7.53
CA ASP A 202 -6.10 -2.24 -6.57
C ASP A 202 -5.20 -3.41 -7.03
N VAL A 203 -5.78 -4.45 -7.72
CA VAL A 203 -4.99 -5.57 -8.29
C VAL A 203 -3.96 -5.02 -9.34
N TRP A 204 -4.40 -4.09 -10.21
CA TRP A 204 -3.49 -3.46 -11.20
C TRP A 204 -2.31 -2.80 -10.45
N SER A 205 -2.63 -1.98 -9.43
CA SER A 205 -1.61 -1.30 -8.61
C SER A 205 -0.67 -2.34 -8.00
N PHE A 206 -1.24 -3.47 -7.52
CA PHE A 206 -0.45 -4.56 -6.91
C PHE A 206 0.55 -5.14 -7.93
N GLY A 207 0.15 -5.24 -9.19
CA GLY A 207 1.06 -5.69 -10.24
C GLY A 207 2.22 -4.72 -10.38
N VAL A 208 1.95 -3.37 -10.29
CA VAL A 208 3.04 -2.35 -10.35
C VAL A 208 3.94 -2.51 -9.11
N LEU A 209 3.31 -2.68 -7.94
CA LEU A 209 4.05 -2.91 -6.67
C LEU A 209 4.98 -4.15 -6.81
N MET A 210 4.49 -5.28 -7.39
CA MET A 210 5.31 -6.49 -7.62
C MET A 210 6.50 -6.16 -8.51
N TRP A 211 6.26 -5.39 -9.60
CA TRP A 211 7.37 -5.00 -10.49
C TRP A 211 8.41 -4.21 -9.66
N GLU A 212 7.96 -3.24 -8.86
CA GLU A 212 8.83 -2.42 -8.03
C GLU A 212 9.69 -3.28 -7.07
N ALA A 213 9.06 -4.28 -6.42
CA ALA A 213 9.72 -5.17 -5.44
C ALA A 213 10.78 -6.04 -6.12
N PHE A 214 10.46 -6.64 -7.27
CA PHE A 214 11.44 -7.45 -8.00
C PHE A 214 12.49 -6.57 -8.72
N SER A 215 12.26 -5.25 -8.80
CA SER A 215 13.22 -4.32 -9.41
C SER A 215 14.02 -3.56 -8.33
N TYR A 216 13.98 -4.10 -7.10
CA TYR A 216 14.66 -3.59 -5.92
C TYR A 216 14.39 -2.08 -5.69
N GLY A 217 13.13 -1.72 -5.80
CA GLY A 217 12.69 -0.35 -5.54
C GLY A 217 12.88 0.65 -6.64
N GLN A 218 13.18 0.21 -7.87
CA GLN A 218 13.27 1.14 -9.02
C GLN A 218 11.89 1.76 -9.26
N LYS A 219 11.84 3.02 -9.71
CA LYS A 219 10.54 3.66 -9.99
C LYS A 219 9.97 3.07 -11.29
N PRO A 220 8.67 2.79 -11.36
CA PRO A 220 8.10 2.21 -12.60
C PRO A 220 8.03 3.26 -13.72
N TYR A 221 8.07 2.80 -14.98
CA TYR A 221 7.95 3.66 -16.17
C TYR A 221 8.97 4.83 -16.07
N ARG A 222 10.22 4.55 -15.71
CA ARG A 222 11.16 5.65 -15.50
C ARG A 222 11.38 6.51 -16.76
N GLY A 223 11.48 7.81 -16.51
CA GLY A 223 11.70 8.85 -17.52
C GLY A 223 10.48 9.20 -18.37
N MET A 224 9.31 8.58 -18.10
CA MET A 224 8.07 8.75 -18.86
C MET A 224 7.06 9.69 -18.18
N LYS A 225 6.37 10.52 -18.95
CA LYS A 225 5.29 11.37 -18.40
C LYS A 225 4.05 10.45 -18.23
N GLY A 226 3.17 10.81 -17.28
CA GLY A 226 1.92 10.09 -17.02
C GLY A 226 1.10 9.82 -18.27
N SER A 227 1.02 10.82 -19.18
CA SER A 227 0.31 10.75 -20.45
C SER A 227 0.96 9.74 -21.43
N GLU A 228 2.29 9.61 -21.39
CA GLU A 228 3.06 8.65 -22.23
C GLU A 228 2.84 7.22 -21.72
N VAL A 229 2.72 7.05 -20.39
CA VAL A 229 2.40 5.77 -19.74
C VAL A 229 1.00 5.32 -20.23
N THR A 230 -0.02 6.21 -20.13
CA THR A 230 -1.40 5.92 -20.59
C THR A 230 -1.40 5.43 -22.05
N ALA A 231 -0.71 6.14 -22.95
CA ALA A 231 -0.62 5.78 -24.36
C ALA A 231 0.04 4.41 -24.61
N MET A 232 1.12 4.07 -23.86
CA MET A 232 1.84 2.79 -23.99
C MET A 232 0.87 1.64 -23.60
N LEU A 233 0.14 1.83 -22.50
CA LEU A 233 -0.84 0.86 -21.98
C LEU A 233 -1.99 0.64 -22.95
N GLU A 234 -2.47 1.72 -23.60
CA GLU A 234 -3.59 1.64 -24.56
C GLU A 234 -3.19 0.82 -25.81
N LYS A 235 -1.88 0.74 -26.11
CA LYS A 235 -1.33 -0.04 -27.22
C LYS A 235 -1.02 -1.50 -26.85
N GLY A 236 -1.38 -1.92 -25.63
CA GLY A 236 -1.14 -3.27 -25.15
C GLY A 236 0.30 -3.55 -24.75
N GLU A 237 1.06 -2.49 -24.49
CA GLU A 237 2.47 -2.60 -24.10
C GLU A 237 2.59 -2.50 -22.59
N ARG A 238 3.55 -3.24 -22.02
CA ARG A 238 3.76 -3.33 -20.56
C ARG A 238 5.24 -3.26 -20.24
N MET A 239 5.54 -2.99 -18.94
CA MET A 239 6.94 -2.99 -18.53
C MET A 239 7.48 -4.43 -18.64
N GLY A 240 8.77 -4.54 -18.98
CA GLY A 240 9.49 -5.79 -19.13
C GLY A 240 9.76 -6.54 -17.84
N CYS A 241 10.33 -7.74 -17.96
CA CYS A 241 10.61 -8.60 -16.81
C CYS A 241 11.83 -8.08 -16.05
N PRO A 242 11.74 -7.81 -14.73
CA PRO A 242 12.94 -7.34 -14.00
C PRO A 242 14.07 -8.37 -14.01
N ALA A 243 15.33 -7.90 -13.99
CA ALA A 243 16.53 -8.75 -13.94
C ALA A 243 16.44 -9.80 -12.81
N GLY A 244 16.51 -11.07 -13.17
CA GLY A 244 16.46 -12.17 -12.22
C GLY A 244 15.11 -12.43 -11.56
N CYS A 245 14.01 -11.85 -12.10
CA CYS A 245 12.66 -12.08 -11.57
C CYS A 245 12.19 -13.47 -12.00
N PRO A 246 11.63 -14.32 -11.09
CA PRO A 246 11.13 -15.64 -11.53
C PRO A 246 10.03 -15.48 -12.57
N ARG A 247 10.01 -16.35 -13.61
CA ARG A 247 9.03 -16.31 -14.69
C ARG A 247 7.58 -16.33 -14.20
N GLU A 248 7.27 -17.17 -13.17
CA GLU A 248 5.92 -17.30 -12.59
C GLU A 248 5.46 -15.98 -11.96
N MET A 249 6.42 -15.19 -11.45
CA MET A 249 6.15 -13.90 -10.83
C MET A 249 5.87 -12.82 -11.86
N TYR A 250 6.64 -12.85 -12.98
CA TYR A 250 6.40 -11.92 -14.10
C TYR A 250 5.05 -12.22 -14.79
N ASP A 251 4.71 -13.52 -14.95
CA ASP A 251 3.43 -13.95 -15.53
C ASP A 251 2.25 -13.41 -14.68
N LEU A 252 2.41 -13.42 -13.34
CA LEU A 252 1.38 -12.87 -12.45
C LEU A 252 1.22 -11.35 -12.58
N MET A 253 2.34 -10.60 -12.75
CA MET A 253 2.32 -9.15 -12.94
C MET A 253 1.48 -8.85 -14.21
N ASN A 254 1.75 -9.58 -15.31
CA ASN A 254 1.02 -9.38 -16.57
C ASN A 254 -0.48 -9.66 -16.41
N LEU A 255 -0.85 -10.68 -15.62
CA LEU A 255 -2.24 -11.02 -15.31
C LEU A 255 -2.88 -9.84 -14.52
N CYS A 256 -2.14 -9.23 -13.55
CA CYS A 256 -2.61 -8.06 -12.80
C CYS A 256 -2.86 -6.88 -13.71
N TRP A 257 -2.05 -6.76 -14.79
CA TRP A 257 -2.16 -5.72 -15.81
C TRP A 257 -3.12 -6.09 -16.97
N THR A 258 -4.16 -6.86 -16.69
CA THR A 258 -5.20 -7.16 -17.68
C THR A 258 -5.99 -5.86 -17.89
N TYR A 259 -6.07 -5.37 -19.15
CA TYR A 259 -6.71 -4.10 -19.43
C TYR A 259 -8.18 -4.09 -18.99
N ASP A 260 -8.95 -5.10 -19.39
CA ASP A 260 -10.38 -5.27 -19.09
C ASP A 260 -10.55 -5.68 -17.63
N VAL A 261 -11.29 -4.87 -16.88
CA VAL A 261 -11.50 -5.08 -15.45
C VAL A 261 -12.19 -6.44 -15.16
N GLU A 262 -13.15 -6.88 -16.01
CA GLU A 262 -13.85 -8.15 -15.82
C GLU A 262 -12.96 -9.41 -15.97
N ASN A 263 -11.93 -9.36 -16.83
CA ASN A 263 -11.01 -10.51 -17.01
C ASN A 263 -9.82 -10.49 -16.03
N ARG A 264 -9.59 -9.35 -15.35
CA ARG A 264 -8.49 -9.19 -14.38
C ARG A 264 -8.83 -10.03 -13.13
N PRO A 265 -7.87 -10.78 -12.52
CA PRO A 265 -8.21 -11.55 -11.31
C PRO A 265 -8.46 -10.65 -10.10
N GLY A 266 -9.18 -11.19 -9.12
CA GLY A 266 -9.43 -10.51 -7.86
C GLY A 266 -8.32 -10.92 -6.91
N PHE A 267 -8.28 -10.34 -5.69
CA PHE A 267 -7.21 -10.68 -4.75
C PHE A 267 -7.26 -12.13 -4.20
N ALA A 268 -8.43 -12.80 -4.17
CA ALA A 268 -8.46 -14.21 -3.73
C ALA A 268 -7.59 -15.06 -4.69
N ALA A 269 -7.76 -14.86 -6.01
CA ALA A 269 -6.99 -15.60 -7.02
C ALA A 269 -5.49 -15.20 -7.00
N VAL A 270 -5.20 -13.91 -6.82
CA VAL A 270 -3.81 -13.40 -6.76
C VAL A 270 -3.08 -14.02 -5.55
N GLU A 271 -3.72 -13.97 -4.36
CA GLU A 271 -3.16 -14.53 -3.11
C GLU A 271 -2.92 -16.04 -3.24
N LEU A 272 -3.89 -16.79 -3.80
CA LEU A 272 -3.74 -18.25 -3.98
C LEU A 272 -2.54 -18.61 -4.87
N ARG A 273 -2.36 -17.88 -5.99
CA ARG A 273 -1.21 -18.10 -6.89
C ARG A 273 0.12 -17.84 -6.17
N LEU A 274 0.19 -16.74 -5.38
CA LEU A 274 1.37 -16.38 -4.61
C LEU A 274 1.65 -17.37 -3.48
N ARG A 275 0.59 -17.92 -2.86
CA ARG A 275 0.67 -18.90 -1.76
C ARG A 275 1.29 -20.20 -2.25
N ASN A 276 0.73 -20.74 -3.35
CA ASN A 276 1.17 -21.99 -3.96
C ASN A 276 2.58 -21.87 -4.47
N TYR A 277 2.91 -20.75 -5.14
CA TYR A 277 4.27 -20.54 -5.63
C TYR A 277 5.26 -20.41 -4.48
N TYR A 278 4.92 -19.62 -3.43
CA TYR A 278 5.79 -19.43 -2.28
C TYR A 278 6.07 -20.73 -1.52
N TYR A 279 5.02 -21.53 -1.24
CA TYR A 279 5.19 -22.81 -0.52
C TYR A 279 5.95 -23.83 -1.36
N ASP A 280 5.93 -23.68 -2.70
CA ASP A 280 6.69 -24.51 -3.63
C ASP A 280 8.18 -24.11 -3.58
N VAL A 281 8.48 -22.79 -3.51
CA VAL A 281 9.84 -22.26 -3.42
C VAL A 281 10.49 -22.70 -2.10
N VAL A 282 9.79 -22.53 -0.97
CA VAL A 282 10.31 -22.89 0.35
C VAL A 282 10.52 -24.42 0.49
N ASN A 283 9.67 -25.24 -0.15
CA ASN A 283 9.81 -26.71 -0.13
C ASN A 283 11.00 -27.19 -0.98
N HIS A 284 11.40 -26.37 -1.97
CA HIS A 284 12.55 -26.64 -2.84
C HIS A 284 13.81 -25.95 -2.26
N HIS A 285 15.02 -26.38 -2.71
CA HIS A 285 16.36 -25.87 -2.34
C HIS A 285 16.45 -25.17 -0.98
C1 GOL B . 12.21 -6.05 15.40
O1 GOL B . 11.28 -7.09 15.23
C2 GOL B . 11.84 -4.83 14.59
O2 GOL B . 12.57 -4.84 13.36
C3 GOL B . 12.11 -3.57 15.36
O3 GOL B . 11.33 -3.53 16.55
CL CL C . 2.63 8.74 -10.95
C10 55U D . 7.67 4.77 8.76
C15 55U D . 2.81 4.11 9.93
C17 55U D . 4.88 4.93 9.01
C20 55U D . 5.24 7.81 6.25
C21 55U D . 5.49 7.36 4.81
C22 55U D . 5.00 5.98 4.37
C01 55U D . 13.96 5.63 6.92
N02 55U D . 13.29 4.74 7.85
C03 55U D . 14.06 3.60 8.38
C04 55U D . 11.85 4.84 8.11
C05 55U D . 11.00 5.67 7.34
C06 55U D . 9.61 5.63 7.55
C07 55U D . 9.04 4.77 8.53
C08 55U D . 9.90 3.99 9.33
C09 55U D . 11.28 4.05 9.12
C11 55U D . 6.97 3.86 9.58
C12 55U D . 5.59 3.98 9.74
N13 55U D . 4.90 3.10 10.53
C14 55U D . 3.52 3.14 10.64
C16 55U D . 3.50 5.00 9.13
C18 55U D . 5.60 5.75 8.13
N19 55U D . 5.08 6.78 7.25
N23 55U D . 4.56 5.89 2.98
N24 55U D . 6.95 5.67 8.05
#